data_8GX4
#
_entry.id   8GX4
#
_cell.length_a   98.340
_cell.length_b   98.340
_cell.length_c   80.410
_cell.angle_alpha   90.000
_cell.angle_beta   90.000
_cell.angle_gamma   120.000
#
_symmetry.space_group_name_H-M   'P 31 2 1'
#
loop_
_entity.id
_entity.type
_entity.pdbx_description
1 polymer ApiI
2 non-polymer S-ADENOSYLMETHIONINE
3 non-polymer GLYCEROL
4 non-polymer 1,2-ETHANEDIOL
5 non-polymer 'TRIETHYLENE GLYCOL'
6 water water
#
_entity_poly.entity_id   1
_entity_poly.type   'polypeptide(L)'
_entity_poly.pdbx_seq_one_letter_code
;MTSSPATASPAVADQLDSLAALLTSRAQAVRNGAAVPPQQHVQLVKGLKDAAGLVNEAREDLGDLMMSFVQVTALRLLIK
WKVFEAIPLEGTISYADVAARVGIDVNLITRLSWVLVATGVLKQDGSDKIQHTARSRPYASRNPLSAMMIIGFDEYLPAL
LAMPGYFDTYGKKEPFGEKHTVKAFSEGNPELTVNQILASSPERLGNMTLAMAAMENMYPLSGVYDFSWVAAKAASDSNR
PLIVDVGGAKGHTLQAICKDTPALPIERCVLEDLPRVIQVVKDTSDAGAQAPQLLGMDFNQEQPVKGAVVYLIRRCLHDY
SDEQCVRILGHLAAAMAADSVLLIGETVLTNPPSRPTAMMDILLATIGGKERTIDAFGAVVGRAGLRIKGVCKQEGGDFS
YIECVKA
;
_entity_poly.pdbx_strand_id   A
#
loop_
_chem_comp.id
_chem_comp.type
_chem_comp.name
_chem_comp.formula
EDO non-polymer 1,2-ETHANEDIOL 'C2 H6 O2'
GOL non-polymer GLYCEROL 'C3 H8 O3'
PGE non-polymer 'TRIETHYLENE GLYCOL' 'C6 H14 O4'
SAM non-polymer S-ADENOSYLMETHIONINE 'C15 H22 N6 O5 S'
#
# COMPACT_ATOMS: atom_id res chain seq x y z
N ALA A 13 -3.40 -29.93 -15.93
CA ALA A 13 -4.07 -31.20 -15.65
C ALA A 13 -4.82 -31.15 -14.32
N ASP A 14 -4.06 -31.24 -13.22
CA ASP A 14 -4.67 -31.32 -11.90
C ASP A 14 -5.31 -30.01 -11.49
N GLN A 15 -4.67 -28.88 -11.81
CA GLN A 15 -5.16 -27.59 -11.35
C GLN A 15 -6.52 -27.28 -11.98
N LEU A 16 -6.71 -27.68 -13.24
CA LEU A 16 -8.02 -27.52 -13.87
C LEU A 16 -9.08 -28.30 -13.14
N ASP A 17 -8.73 -29.50 -12.66
CA ASP A 17 -9.68 -30.31 -11.90
C ASP A 17 -10.04 -29.63 -10.58
N SER A 18 -9.03 -29.15 -9.86
CA SER A 18 -9.27 -28.48 -8.58
C SER A 18 -10.19 -27.27 -8.74
N LEU A 19 -9.79 -26.30 -9.57
CA LEU A 19 -10.60 -25.10 -9.77
C LEU A 19 -12.03 -25.44 -10.18
N ALA A 20 -12.19 -26.42 -11.08
CA ALA A 20 -13.52 -26.83 -11.51
C ALA A 20 -14.41 -27.25 -10.34
N ALA A 21 -13.83 -27.78 -9.27
CA ALA A 21 -14.61 -28.12 -8.08
C ALA A 21 -14.95 -26.88 -7.27
N LEU A 22 -13.98 -25.98 -7.10
CA LEU A 22 -14.26 -24.68 -6.49
C LEU A 22 -15.28 -23.88 -7.28
N LEU A 23 -15.50 -24.21 -8.57
CA LEU A 23 -16.50 -23.54 -9.38
C LEU A 23 -17.89 -24.09 -9.13
N THR A 24 -18.03 -25.42 -9.14
CA THR A 24 -19.32 -26.02 -8.76
C THR A 24 -19.76 -25.57 -7.37
N SER A 25 -18.83 -25.49 -6.41
CA SER A 25 -19.19 -25.20 -5.03
C SER A 25 -19.76 -23.80 -4.89
N ARG A 26 -19.04 -22.80 -5.40
CA ARG A 26 -19.48 -21.42 -5.27
C ARG A 26 -20.72 -21.11 -6.10
N ALA A 27 -21.13 -21.99 -7.03
CA ALA A 27 -22.34 -21.77 -7.80
C ALA A 27 -23.62 -21.97 -6.98
N GLN A 28 -23.55 -22.69 -5.85
CA GLN A 28 -24.70 -22.89 -4.99
C GLN A 28 -24.72 -21.96 -3.78
N ALA A 29 -23.56 -21.41 -3.39
CA ALA A 29 -23.57 -20.27 -2.49
C ALA A 29 -24.26 -19.08 -3.14
N VAL A 30 -24.27 -19.02 -4.47
CA VAL A 30 -25.04 -18.02 -5.20
C VAL A 30 -26.53 -18.20 -4.94
N ARG A 31 -26.98 -19.44 -4.77
CA ARG A 31 -28.39 -19.74 -4.50
C ARG A 31 -28.62 -20.02 -3.02
N PRO A 37 -17.27 -17.62 3.44
CA PRO A 37 -16.06 -18.42 3.37
C PRO A 37 -14.88 -17.58 2.89
N PRO A 38 -14.20 -16.92 3.82
CA PRO A 38 -13.28 -15.84 3.43
C PRO A 38 -12.07 -16.33 2.64
N GLN A 39 -11.48 -17.45 3.04
CA GLN A 39 -10.43 -18.05 2.22
C GLN A 39 -10.98 -18.64 0.92
N GLN A 40 -12.27 -19.00 0.89
CA GLN A 40 -12.81 -19.64 -0.31
C GLN A 40 -12.90 -18.67 -1.49
N HIS A 41 -13.11 -17.38 -1.23
CA HIS A 41 -13.13 -16.41 -2.31
C HIS A 41 -11.75 -16.29 -2.96
N VAL A 42 -10.69 -16.23 -2.14
CA VAL A 42 -9.35 -15.94 -2.66
C VAL A 42 -8.64 -17.16 -3.21
N GLN A 43 -8.98 -18.38 -2.76
CA GLN A 43 -8.44 -19.56 -3.44
C GLN A 43 -8.98 -19.66 -4.86
N LEU A 44 -10.18 -19.11 -5.08
CA LEU A 44 -10.82 -19.15 -6.39
C LEU A 44 -10.33 -18.04 -7.32
N VAL A 45 -10.04 -16.85 -6.78
CA VAL A 45 -9.50 -15.79 -7.62
C VAL A 45 -8.10 -16.14 -8.10
N LYS A 46 -7.30 -16.82 -7.25
CA LYS A 46 -5.96 -17.20 -7.67
C LYS A 46 -6.01 -18.32 -8.71
N GLY A 47 -6.85 -19.34 -8.45
CA GLY A 47 -6.97 -20.43 -9.40
C GLY A 47 -7.46 -19.98 -10.77
N LEU A 48 -8.41 -19.03 -10.79
CA LEU A 48 -8.90 -18.50 -12.05
C LEU A 48 -7.80 -17.78 -12.82
N LYS A 49 -6.94 -17.05 -12.11
CA LYS A 49 -5.80 -16.40 -12.76
C LYS A 49 -4.81 -17.42 -13.30
N ASP A 50 -4.44 -18.42 -12.48
CA ASP A 50 -3.48 -19.43 -12.92
C ASP A 50 -4.05 -20.27 -14.05
N ALA A 51 -5.34 -20.60 -13.99
CA ALA A 51 -5.96 -21.33 -15.09
C ALA A 51 -5.95 -20.48 -16.35
N ALA A 52 -6.26 -19.19 -16.23
CA ALA A 52 -6.20 -18.28 -17.37
C ALA A 52 -4.83 -18.29 -18.01
N GLY A 53 -3.78 -18.23 -17.18
CA GLY A 53 -2.43 -18.27 -17.71
C GLY A 53 -2.11 -19.57 -18.45
N LEU A 54 -2.59 -20.69 -17.92
CA LEU A 54 -2.34 -21.99 -18.56
C LEU A 54 -2.99 -22.06 -19.94
N VAL A 55 -4.31 -21.86 -20.01
CA VAL A 55 -5.03 -21.98 -21.27
C VAL A 55 -4.52 -20.96 -22.28
N ASN A 56 -4.01 -19.82 -21.81
CA ASN A 56 -3.66 -18.72 -22.70
C ASN A 56 -2.31 -18.96 -23.38
N GLU A 57 -2.24 -18.62 -24.66
CA GLU A 57 -0.97 -18.48 -25.34
C GLU A 57 -0.61 -17.00 -25.44
N ALA A 58 0.59 -16.72 -25.95
CA ALA A 58 1.16 -15.38 -25.89
C ALA A 58 0.26 -14.36 -26.56
N ARG A 59 -0.37 -14.72 -27.69
CA ARG A 59 -1.18 -13.76 -28.41
C ARG A 59 -2.43 -13.38 -27.61
N GLU A 60 -3.01 -14.35 -26.90
CA GLU A 60 -4.15 -14.03 -26.05
C GLU A 60 -3.71 -13.24 -24.83
N ASP A 61 -2.50 -13.53 -24.32
CA ASP A 61 -1.93 -12.76 -23.21
C ASP A 61 -1.84 -11.29 -23.57
N LEU A 62 -1.35 -10.99 -24.77
CA LEU A 62 -1.11 -9.59 -25.12
C LEU A 62 -2.42 -8.86 -25.44
N GLY A 63 -3.37 -9.55 -26.07
CA GLY A 63 -4.71 -8.98 -26.20
C GLY A 63 -5.34 -8.67 -24.85
N ASP A 64 -5.16 -9.58 -23.87
CA ASP A 64 -5.67 -9.33 -22.54
C ASP A 64 -4.98 -8.13 -21.90
N LEU A 65 -3.65 -8.04 -22.04
CA LEU A 65 -2.93 -6.90 -21.48
C LEU A 65 -3.45 -5.59 -22.09
N MET A 66 -3.56 -5.55 -23.42
CA MET A 66 -4.00 -4.32 -24.07
C MET A 66 -5.40 -3.93 -23.65
N MET A 67 -6.26 -4.93 -23.45
CA MET A 67 -7.60 -4.68 -22.95
C MET A 67 -7.56 -4.06 -21.55
N SER A 68 -6.63 -4.51 -20.70
CA SER A 68 -6.50 -3.91 -19.38
C SER A 68 -6.16 -2.43 -19.49
N PHE A 69 -5.26 -2.06 -20.39
CA PHE A 69 -4.93 -0.65 -20.55
C PHE A 69 -6.11 0.16 -21.06
N VAL A 70 -6.86 -0.37 -22.02
CA VAL A 70 -8.01 0.39 -22.50
C VAL A 70 -9.05 0.52 -21.40
N GLN A 71 -9.24 -0.56 -20.63
CA GLN A 71 -10.24 -0.54 -19.55
C GLN A 71 -9.91 0.51 -18.50
N VAL A 72 -8.64 0.57 -18.06
CA VAL A 72 -8.30 1.57 -17.04
C VAL A 72 -8.42 2.98 -17.60
N THR A 73 -8.12 3.17 -18.90
CA THR A 73 -8.29 4.48 -19.53
C THR A 73 -9.75 4.91 -19.55
N ALA A 74 -10.65 3.98 -19.89
CA ALA A 74 -12.08 4.27 -19.85
C ALA A 74 -12.54 4.54 -18.42
N LEU A 75 -12.02 3.78 -17.47
CA LEU A 75 -12.33 4.03 -16.06
C LEU A 75 -11.90 5.43 -15.66
N ARG A 76 -10.68 5.80 -16.06
CA ARG A 76 -10.11 7.07 -15.66
C ARG A 76 -10.91 8.23 -16.24
N LEU A 77 -11.26 8.14 -17.52
CA LEU A 77 -11.99 9.22 -18.18
C LEU A 77 -13.41 9.35 -17.64
N LEU A 78 -14.11 8.23 -17.46
CA LEU A 78 -15.50 8.31 -17.05
C LEU A 78 -15.63 8.82 -15.62
N ILE A 79 -14.66 8.46 -14.75
CA ILE A 79 -14.56 9.10 -13.44
C ILE A 79 -14.32 10.58 -13.61
N LYS A 80 -13.28 10.93 -14.35
CA LYS A 80 -12.93 12.34 -14.53
C LYS A 80 -14.09 13.16 -15.08
N TRP A 81 -14.85 12.60 -16.03
CA TRP A 81 -15.93 13.35 -16.66
C TRP A 81 -17.24 13.32 -15.88
N LYS A 82 -17.24 12.74 -14.68
CA LYS A 82 -18.43 12.61 -13.82
C LYS A 82 -19.49 11.72 -14.44
N VAL A 83 -19.11 10.80 -15.34
CA VAL A 83 -20.08 9.92 -15.97
C VAL A 83 -20.61 8.91 -14.97
N PHE A 84 -19.74 8.36 -14.11
CA PHE A 84 -20.22 7.39 -13.14
C PHE A 84 -21.18 8.04 -12.15
N GLU A 85 -20.98 9.33 -11.89
CA GLU A 85 -21.90 10.12 -11.07
C GLU A 85 -23.25 10.26 -11.75
N ALA A 86 -23.24 10.51 -13.06
CA ALA A 86 -24.46 10.73 -13.83
C ALA A 86 -25.28 9.47 -14.03
N ILE A 87 -24.74 8.28 -13.76
CA ILE A 87 -25.47 7.04 -13.86
C ILE A 87 -26.07 6.72 -12.48
N PRO A 88 -27.39 6.58 -12.36
CA PRO A 88 -27.96 6.25 -11.06
C PRO A 88 -27.39 4.93 -10.57
N LEU A 89 -27.22 4.83 -9.24
CA LEU A 89 -26.72 3.58 -8.69
C LEU A 89 -27.64 2.41 -8.97
N GLU A 90 -28.93 2.67 -9.18
CA GLU A 90 -29.88 1.64 -9.55
C GLU A 90 -30.71 2.11 -10.75
N GLY A 91 -31.25 1.15 -11.49
CA GLY A 91 -31.98 1.46 -12.70
C GLY A 91 -31.07 1.84 -13.87
N THR A 92 -31.71 2.22 -14.98
CA THR A 92 -31.01 2.45 -16.23
C THR A 92 -31.13 3.90 -16.66
N ILE A 93 -30.23 4.33 -17.52
CA ILE A 93 -30.29 5.66 -18.12
C ILE A 93 -29.72 5.57 -19.52
N SER A 94 -30.35 6.27 -20.46
CA SER A 94 -29.88 6.23 -21.84
C SER A 94 -28.50 6.89 -21.96
N TYR A 95 -27.73 6.41 -22.95
CA TYR A 95 -26.48 7.10 -23.28
C TYR A 95 -26.72 8.56 -23.59
N ALA A 96 -27.80 8.86 -24.32
CA ALA A 96 -28.10 10.25 -24.62
C ALA A 96 -28.30 11.06 -23.35
N ASP A 97 -29.04 10.52 -22.37
CA ASP A 97 -29.31 11.30 -21.16
C ASP A 97 -28.04 11.51 -20.36
N VAL A 98 -27.17 10.50 -20.31
CA VAL A 98 -25.90 10.66 -19.61
C VAL A 98 -25.07 11.74 -20.27
N ALA A 99 -25.02 11.73 -21.60
CA ALA A 99 -24.15 12.65 -22.33
C ALA A 99 -24.61 14.09 -22.17
N ALA A 100 -25.92 14.31 -22.15
CA ALA A 100 -26.43 15.66 -21.91
C ALA A 100 -26.17 16.10 -20.48
N ARG A 101 -26.27 15.17 -19.52
CA ARG A 101 -26.00 15.51 -18.13
C ARG A 101 -24.55 15.97 -17.96
N VAL A 102 -23.59 15.25 -18.55
CA VAL A 102 -22.19 15.63 -18.39
C VAL A 102 -21.71 16.57 -19.50
N GLY A 103 -22.57 16.92 -20.45
CA GLY A 103 -22.19 17.85 -21.50
C GLY A 103 -21.12 17.36 -22.45
N ILE A 104 -21.18 16.10 -22.85
CA ILE A 104 -20.13 15.48 -23.65
C ILE A 104 -20.73 14.71 -24.82
N ASP A 105 -20.09 14.83 -25.99
CA ASP A 105 -20.31 13.98 -27.16
C ASP A 105 -20.79 12.58 -26.83
N VAL A 106 -22.05 12.27 -27.16
CA VAL A 106 -22.64 10.97 -26.84
C VAL A 106 -21.91 9.82 -27.53
N ASN A 107 -21.31 10.09 -28.70
CA ASN A 107 -20.54 9.04 -29.37
C ASN A 107 -19.33 8.65 -28.53
N LEU A 108 -18.63 9.63 -27.97
CA LEU A 108 -17.45 9.33 -27.18
C LEU A 108 -17.82 8.65 -25.86
N ILE A 109 -18.89 9.11 -25.21
CA ILE A 109 -19.40 8.44 -24.02
C ILE A 109 -19.74 6.99 -24.36
N THR A 110 -20.36 6.77 -25.52
CA THR A 110 -20.80 5.42 -25.85
C THR A 110 -19.61 4.50 -26.10
N ARG A 111 -18.61 4.98 -26.86
CA ARG A 111 -17.47 4.11 -27.17
C ARG A 111 -16.70 3.76 -25.91
N LEU A 112 -16.56 4.69 -24.99
CA LEU A 112 -15.80 4.38 -23.79
C LEU A 112 -16.61 3.50 -22.85
N SER A 113 -17.92 3.75 -22.75
CA SER A 113 -18.77 2.90 -21.92
C SER A 113 -18.75 1.46 -22.41
N TRP A 114 -18.76 1.28 -23.74
CA TRP A 114 -18.75 -0.05 -24.34
C TRP A 114 -17.56 -0.87 -23.87
N VAL A 115 -16.41 -0.23 -23.68
CA VAL A 115 -15.25 -0.93 -23.11
C VAL A 115 -15.62 -1.55 -21.78
N LEU A 116 -16.27 -0.77 -20.93
CA LEU A 116 -16.64 -1.25 -19.60
C LEU A 116 -17.84 -2.19 -19.66
N VAL A 117 -18.73 -2.04 -20.64
CA VAL A 117 -19.77 -3.04 -20.84
C VAL A 117 -19.16 -4.38 -21.23
N ALA A 118 -18.21 -4.37 -22.17
CA ALA A 118 -17.61 -5.60 -22.65
C ALA A 118 -16.82 -6.31 -21.56
N THR A 119 -16.26 -5.57 -20.60
CA THR A 119 -15.50 -6.20 -19.54
C THR A 119 -16.34 -6.45 -18.29
N GLY A 120 -17.62 -6.08 -18.32
CA GLY A 120 -18.52 -6.35 -17.22
C GLY A 120 -18.50 -5.34 -16.10
N VAL A 121 -17.80 -4.22 -16.27
CA VAL A 121 -17.79 -3.18 -15.24
C VAL A 121 -19.11 -2.43 -15.26
N LEU A 122 -19.65 -2.18 -16.44
CA LEU A 122 -20.97 -1.63 -16.62
C LEU A 122 -21.86 -2.66 -17.31
N LYS A 123 -23.15 -2.37 -17.34
CA LYS A 123 -24.10 -3.26 -17.99
C LYS A 123 -24.96 -2.44 -18.94
N GLN A 124 -25.10 -2.91 -20.18
CA GLN A 124 -25.96 -2.24 -21.15
C GLN A 124 -27.32 -2.89 -21.14
N ASP A 125 -28.38 -2.07 -21.20
CA ASP A 125 -29.75 -2.55 -21.25
C ASP A 125 -30.35 -2.14 -22.59
N GLY A 126 -30.82 -3.12 -23.36
CA GLY A 126 -31.26 -2.78 -24.68
C GLY A 126 -30.10 -2.29 -25.51
N SER A 127 -30.40 -1.47 -26.51
CA SER A 127 -29.38 -0.95 -27.41
C SER A 127 -28.82 0.40 -26.99
N ASP A 128 -29.36 1.01 -25.94
CA ASP A 128 -29.02 2.40 -25.69
C ASP A 128 -29.03 2.82 -24.23
N LYS A 129 -29.19 1.90 -23.28
CA LYS A 129 -29.27 2.24 -21.87
C LYS A 129 -28.14 1.56 -21.09
N ILE A 130 -27.67 2.26 -20.06
CA ILE A 130 -26.49 1.86 -19.31
C ILE A 130 -26.86 1.83 -17.82
N GLN A 131 -26.15 1.00 -17.04
CA GLN A 131 -26.44 0.88 -15.63
C GLN A 131 -25.16 0.48 -14.89
N HIS A 132 -25.14 0.79 -13.60
CA HIS A 132 -24.03 0.41 -12.74
C HIS A 132 -24.09 -1.08 -12.43
N THR A 133 -22.92 -1.63 -12.09
CA THR A 133 -22.83 -2.94 -11.46
C THR A 133 -22.17 -2.75 -10.09
N ALA A 134 -22.05 -3.87 -9.36
CA ALA A 134 -21.30 -3.84 -8.11
C ALA A 134 -19.86 -3.39 -8.34
N ARG A 135 -19.30 -3.67 -9.52
CA ARG A 135 -17.92 -3.31 -9.81
C ARG A 135 -17.75 -1.84 -10.19
N SER A 136 -18.82 -1.15 -10.60
CA SER A 136 -18.66 0.23 -11.02
C SER A 136 -19.14 1.23 -9.99
N ARG A 137 -20.01 0.82 -9.07
CA ARG A 137 -20.54 1.77 -8.09
C ARG A 137 -19.47 2.50 -7.28
N PRO A 138 -18.39 1.87 -6.81
CA PRO A 138 -17.37 2.66 -6.08
C PRO A 138 -16.84 3.83 -6.88
N TYR A 139 -16.88 3.78 -8.21
CA TYR A 139 -16.35 4.91 -8.97
C TYR A 139 -17.34 6.05 -9.06
N ALA A 140 -18.56 5.89 -8.54
CA ALA A 140 -19.56 6.94 -8.62
C ALA A 140 -19.32 8.08 -7.63
N SER A 141 -18.42 7.91 -6.66
CA SER A 141 -18.15 8.95 -5.68
C SER A 141 -16.66 8.98 -5.33
N ARG A 142 -16.26 10.00 -4.58
CA ARG A 142 -14.89 10.17 -4.14
C ARG A 142 -14.64 9.35 -2.87
N ASN A 143 -13.68 8.44 -2.93
CA ASN A 143 -13.45 7.50 -1.83
C ASN A 143 -12.10 6.82 -2.03
N PRO A 144 -11.63 5.98 -1.08
CA PRO A 144 -10.28 5.41 -1.24
C PRO A 144 -10.11 4.57 -2.51
N LEU A 145 -11.13 3.80 -2.90
CA LEU A 145 -11.00 2.95 -4.09
C LEU A 145 -10.88 3.80 -5.36
N SER A 146 -11.75 4.80 -5.53
CA SER A 146 -11.63 5.64 -6.71
C SER A 146 -10.36 6.48 -6.66
N ALA A 147 -9.89 6.83 -5.46
CA ALA A 147 -8.61 7.53 -5.35
C ALA A 147 -7.46 6.64 -5.80
N MET A 148 -7.52 5.34 -5.48
CA MET A 148 -6.48 4.41 -5.90
C MET A 148 -6.45 4.25 -7.41
N MET A 149 -7.63 4.13 -8.02
CA MET A 149 -7.71 4.10 -9.49
C MET A 149 -7.02 5.31 -10.09
N ILE A 150 -7.39 6.51 -9.63
CA ILE A 150 -6.81 7.74 -10.16
C ILE A 150 -5.31 7.76 -9.97
N ILE A 151 -4.86 7.45 -8.74
CA ILE A 151 -3.44 7.49 -8.43
C ILE A 151 -2.66 6.47 -9.28
N GLY A 152 -3.20 5.26 -9.43
CA GLY A 152 -2.53 4.30 -10.29
C GLY A 152 -2.31 4.84 -11.68
N PHE A 153 -3.33 5.48 -12.25
CA PHE A 153 -3.26 5.99 -13.59
C PHE A 153 -2.40 7.24 -13.68
N ASP A 154 -2.55 8.15 -12.71
CA ASP A 154 -1.83 9.42 -12.76
C ASP A 154 -0.41 9.32 -12.20
N GLU A 155 -0.16 8.48 -11.19
CA GLU A 155 1.11 8.54 -10.48
C GLU A 155 2.03 7.35 -10.68
N TYR A 156 1.52 6.24 -11.18
CA TYR A 156 2.35 5.06 -11.37
C TYR A 156 2.47 4.62 -12.82
N LEU A 157 1.39 4.64 -13.60
CA LEU A 157 1.51 4.23 -15.00
C LEU A 157 2.52 5.06 -15.77
N PRO A 158 2.56 6.40 -15.68
CA PRO A 158 3.57 7.13 -16.46
C PRO A 158 4.99 6.68 -16.14
N ALA A 159 5.26 6.41 -14.87
CA ALA A 159 6.60 5.97 -14.49
C ALA A 159 6.91 4.61 -15.10
N LEU A 160 5.94 3.68 -15.04
CA LEU A 160 6.16 2.37 -15.65
C LEU A 160 6.47 2.49 -17.13
N LEU A 161 5.67 3.28 -17.86
CA LEU A 161 5.88 3.40 -19.29
C LEU A 161 7.22 4.06 -19.59
N ALA A 162 7.74 4.85 -18.67
CA ALA A 162 9.00 5.54 -18.85
C ALA A 162 10.22 4.70 -18.48
N MET A 163 10.04 3.48 -17.97
CA MET A 163 11.18 2.69 -17.52
C MET A 163 12.15 2.30 -18.63
N PRO A 164 11.72 1.96 -19.86
CA PRO A 164 12.72 1.66 -20.89
C PRO A 164 13.68 2.80 -21.13
N GLY A 165 13.16 4.02 -21.33
CA GLY A 165 14.03 5.17 -21.47
C GLY A 165 14.80 5.48 -20.20
N TYR A 166 14.15 5.28 -19.05
CA TYR A 166 14.83 5.59 -17.79
C TYR A 166 16.10 4.77 -17.64
N PHE A 167 16.04 3.47 -17.95
CA PHE A 167 17.21 2.62 -17.69
C PHE A 167 18.28 2.78 -18.77
N ASP A 168 17.89 3.17 -19.99
CA ASP A 168 18.88 3.59 -20.97
C ASP A 168 19.57 4.86 -20.52
N THR A 169 18.83 5.76 -19.89
CA THR A 169 19.37 7.04 -19.46
C THR A 169 20.28 6.89 -18.25
N TYR A 170 19.85 6.11 -17.25
CA TYR A 170 20.53 6.07 -15.95
C TYR A 170 21.31 4.80 -15.72
N GLY A 171 21.33 3.88 -16.67
CA GLY A 171 21.96 2.60 -16.43
C GLY A 171 20.96 1.58 -15.91
N LYS A 172 21.20 0.33 -16.28
CA LYS A 172 20.25 -0.75 -16.01
C LYS A 172 20.62 -1.39 -14.67
N LYS A 173 20.24 -0.70 -13.59
CA LYS A 173 20.45 -1.17 -12.23
C LYS A 173 19.28 -0.74 -11.37
N GLU A 174 19.12 -1.42 -10.22
CA GLU A 174 18.05 -1.06 -9.29
C GLU A 174 18.11 0.43 -9.01
N PRO A 175 17.00 1.16 -9.15
CA PRO A 175 17.02 2.60 -8.88
C PRO A 175 16.78 2.92 -7.41
N PHE A 176 17.65 3.75 -6.84
CA PHE A 176 17.52 4.20 -5.47
C PHE A 176 17.88 5.66 -5.38
N GLY A 177 17.36 6.31 -4.35
CA GLY A 177 17.78 7.68 -4.07
C GLY A 177 16.62 8.64 -4.20
N GLU A 178 16.69 9.75 -3.45
CA GLU A 178 15.59 10.71 -3.37
C GLU A 178 15.35 11.41 -4.69
N LYS A 179 16.42 11.72 -5.40
CA LYS A 179 16.36 12.44 -6.65
C LYS A 179 16.62 11.49 -7.80
N HIS A 180 16.13 11.87 -8.98
CA HIS A 180 16.26 11.08 -10.19
C HIS A 180 15.52 9.74 -10.07
N THR A 181 14.35 9.78 -9.42
CA THR A 181 13.46 8.63 -9.43
C THR A 181 12.89 8.42 -10.83
N VAL A 182 12.42 7.19 -11.08
CA VAL A 182 11.72 6.95 -12.34
C VAL A 182 10.51 7.88 -12.44
N LYS A 183 9.86 8.12 -11.30
CA LYS A 183 8.69 9.00 -11.28
C LYS A 183 9.05 10.42 -11.70
N ALA A 184 10.11 10.98 -11.13
CA ALA A 184 10.48 12.35 -11.46
C ALA A 184 10.98 12.44 -12.90
N PHE A 185 11.72 11.43 -13.34
CA PHE A 185 12.11 11.35 -14.74
C PHE A 185 10.90 11.36 -15.67
N SER A 186 9.84 10.62 -15.32
CA SER A 186 8.67 10.55 -16.18
C SER A 186 7.88 11.86 -16.16
N GLU A 187 8.06 12.68 -15.14
CA GLU A 187 7.38 13.96 -14.98
C GLU A 187 8.14 15.11 -15.64
N GLY A 188 9.30 14.86 -16.23
CA GLY A 188 10.13 15.90 -16.80
C GLY A 188 10.99 16.67 -15.81
N ASN A 189 11.01 16.26 -14.54
CA ASN A 189 11.68 17.00 -13.48
C ASN A 189 12.54 16.07 -12.63
N PRO A 190 13.59 15.47 -13.21
CA PRO A 190 14.36 14.45 -12.46
C PRO A 190 15.03 15.01 -11.23
N GLU A 191 15.24 16.32 -11.17
CA GLU A 191 15.92 16.96 -10.05
C GLU A 191 15.06 17.00 -8.81
N LEU A 192 13.74 16.92 -8.95
CA LEU A 192 12.85 17.05 -7.81
C LEU A 192 12.56 15.69 -7.17
N THR A 193 12.28 15.70 -5.87
CA THR A 193 11.83 14.54 -5.14
C THR A 193 10.34 14.29 -5.37
N VAL A 194 9.92 13.06 -5.10
CA VAL A 194 8.51 12.68 -5.21
C VAL A 194 7.64 13.52 -4.28
N ASN A 195 8.17 13.92 -3.11
CA ASN A 195 7.40 14.78 -2.21
C ASN A 195 7.16 16.14 -2.83
N GLN A 196 8.22 16.77 -3.36
CA GLN A 196 8.06 18.06 -4.00
C GLN A 196 7.07 18.00 -5.15
N ILE A 197 7.10 16.91 -5.93
CA ILE A 197 6.22 16.79 -7.09
C ILE A 197 4.76 16.74 -6.65
N LEU A 198 4.45 15.88 -5.68
CA LEU A 198 3.06 15.73 -5.24
C LEU A 198 2.60 16.91 -4.39
N ALA A 199 3.52 17.64 -3.77
CA ALA A 199 3.14 18.77 -2.94
C ALA A 199 2.85 20.03 -3.75
N SER A 200 3.31 20.10 -4.99
CA SER A 200 3.09 21.28 -5.80
C SER A 200 1.72 21.31 -6.45
N SER A 201 0.83 20.43 -6.03
CA SER A 201 -0.55 20.41 -6.48
C SER A 201 -1.37 19.66 -5.43
N PRO A 202 -1.83 20.36 -4.37
CA PRO A 202 -2.51 19.64 -3.27
C PRO A 202 -3.72 18.83 -3.71
N GLU A 203 -4.23 19.06 -4.93
CA GLU A 203 -5.20 18.14 -5.50
C GLU A 203 -4.59 16.75 -5.69
N ARG A 204 -3.34 16.70 -6.17
CA ARG A 204 -2.66 15.42 -6.32
C ARG A 204 -2.36 14.80 -4.96
N LEU A 205 -1.83 15.61 -4.03
CA LEU A 205 -1.59 15.10 -2.68
C LEU A 205 -2.88 14.59 -2.06
N GLY A 206 -4.00 15.25 -2.36
CA GLY A 206 -5.27 14.83 -1.80
C GLY A 206 -5.67 13.44 -2.23
N ASN A 207 -5.50 13.11 -3.52
CA ASN A 207 -5.80 11.77 -3.97
C ASN A 207 -4.82 10.75 -3.40
N MET A 208 -3.54 11.13 -3.29
CA MET A 208 -2.57 10.23 -2.67
C MET A 208 -2.94 9.91 -1.23
N THR A 209 -3.31 10.94 -0.46
CA THR A 209 -3.64 10.74 0.94
C THR A 209 -4.87 9.86 1.10
N LEU A 210 -5.96 10.21 0.40
CA LEU A 210 -7.19 9.43 0.49
C LEU A 210 -6.99 7.98 0.06
N ALA A 211 -6.13 7.75 -0.92
CA ALA A 211 -5.93 6.39 -1.40
C ALA A 211 -5.24 5.52 -0.35
N MET A 212 -4.25 6.08 0.35
CA MET A 212 -3.54 5.33 1.39
C MET A 212 -4.40 5.06 2.62
N ALA A 213 -5.56 5.71 2.74
CA ALA A 213 -6.45 5.42 3.86
C ALA A 213 -6.92 3.97 3.84
N ALA A 214 -7.03 3.38 2.65
CA ALA A 214 -7.48 1.99 2.54
C ALA A 214 -6.57 1.05 3.31
N MET A 215 -5.26 1.17 3.12
CA MET A 215 -4.28 0.25 3.69
C MET A 215 -3.67 0.76 5.00
N GLU A 216 -4.21 1.82 5.59
CA GLU A 216 -3.73 2.25 6.89
C GLU A 216 -4.31 1.39 8.01
N ASN A 217 -5.53 0.87 7.83
CA ASN A 217 -6.14 0.00 8.83
C ASN A 217 -5.45 -1.35 8.89
N MET A 218 -4.99 -1.84 7.74
CA MET A 218 -4.66 -3.25 7.59
C MET A 218 -3.42 -3.64 8.37
N TYR A 219 -3.40 -4.91 8.79
CA TYR A 219 -2.29 -5.56 9.48
C TYR A 219 -2.03 -4.90 10.82
N PRO A 220 -2.99 -4.95 11.76
CA PRO A 220 -2.78 -4.29 13.05
C PRO A 220 -1.76 -5.04 13.86
N LEU A 221 -0.97 -4.28 14.60
CA LEU A 221 0.13 -4.89 15.33
C LEU A 221 -0.36 -5.57 16.60
N SER A 222 -1.26 -4.93 17.33
CA SER A 222 -1.86 -5.56 18.51
C SER A 222 -2.72 -6.75 18.10
N GLY A 223 -2.68 -7.81 18.90
CA GLY A 223 -3.32 -9.05 18.57
C GLY A 223 -2.48 -9.98 17.72
N VAL A 224 -1.56 -9.43 16.92
CA VAL A 224 -0.62 -10.25 16.18
C VAL A 224 0.65 -10.47 16.98
N TYR A 225 1.03 -9.52 17.82
CA TYR A 225 2.24 -9.58 18.62
C TYR A 225 1.86 -9.39 20.08
N ASP A 226 2.24 -10.34 20.94
CA ASP A 226 1.90 -10.25 22.35
C ASP A 226 2.83 -9.25 23.05
N PHE A 227 2.24 -8.22 23.67
CA PHE A 227 3.00 -7.22 24.40
C PHE A 227 2.96 -7.44 25.89
N SER A 228 2.42 -8.58 26.34
CA SER A 228 2.42 -8.86 27.76
C SER A 228 3.83 -8.76 28.30
N TRP A 229 4.82 -9.25 27.55
CA TRP A 229 6.20 -9.17 27.98
C TRP A 229 6.64 -7.72 28.12
N VAL A 230 6.03 -6.81 27.35
CA VAL A 230 6.35 -5.40 27.51
C VAL A 230 5.71 -4.85 28.78
N ALA A 231 4.50 -5.33 29.10
CA ALA A 231 3.83 -4.94 30.33
C ALA A 231 4.70 -5.25 31.54
N ALA A 232 5.21 -6.48 31.61
CA ALA A 232 6.11 -6.85 32.71
C ALA A 232 7.31 -5.93 32.77
N LYS A 233 7.84 -5.52 31.61
CA LYS A 233 8.93 -4.55 31.61
C LYS A 233 8.45 -3.18 32.07
N ALA A 234 7.23 -2.80 31.67
CA ALA A 234 6.68 -1.50 32.08
C ALA A 234 6.55 -1.40 33.60
N ALA A 235 6.24 -2.52 34.27
CA ALA A 235 6.18 -2.54 35.74
C ALA A 235 7.57 -2.63 36.35
N SER A 236 8.41 -3.56 35.89
CA SER A 236 9.73 -3.75 36.49
C SER A 236 10.59 -2.50 36.37
N ASP A 237 10.40 -1.73 35.31
CA ASP A 237 10.98 -0.40 35.21
C ASP A 237 9.85 0.56 34.86
N SER A 238 9.43 1.35 35.85
CA SER A 238 8.33 2.30 35.70
C SER A 238 8.77 3.60 35.02
N ASN A 239 10.07 3.80 34.79
CA ASN A 239 10.60 5.00 34.15
C ASN A 239 10.88 4.84 32.65
N ARG A 240 11.24 3.64 32.18
CA ARG A 240 11.86 3.56 30.86
C ARG A 240 10.81 3.67 29.76
N PRO A 241 11.17 4.25 28.62
CA PRO A 241 10.23 4.32 27.49
C PRO A 241 9.83 2.93 27.03
N LEU A 242 8.53 2.74 26.78
CA LEU A 242 8.05 1.45 26.32
C LEU A 242 8.26 1.31 24.81
N ILE A 243 7.38 1.90 24.01
CA ILE A 243 7.36 1.68 22.57
C ILE A 243 7.67 2.98 21.84
N VAL A 244 8.74 2.96 21.04
CA VAL A 244 9.12 4.08 20.18
C VAL A 244 8.71 3.70 18.75
N ASP A 245 7.76 4.45 18.19
CA ASP A 245 7.27 4.23 16.82
C ASP A 245 8.11 5.12 15.90
N VAL A 246 9.08 4.53 15.22
CA VAL A 246 10.06 5.27 14.43
C VAL A 246 9.48 5.50 13.04
N GLY A 247 9.25 6.76 12.69
CA GLY A 247 8.51 7.08 11.46
C GLY A 247 7.05 6.67 11.51
N GLY A 248 6.39 6.89 12.65
CA GLY A 248 5.06 6.38 12.88
C GLY A 248 3.91 7.20 12.35
N ALA A 249 4.21 8.30 11.66
CA ALA A 249 3.20 9.14 11.00
C ALA A 249 2.24 9.73 12.03
N LYS A 250 1.00 9.28 12.04
CA LYS A 250 0.00 9.85 12.92
C LYS A 250 -0.14 9.08 14.23
N GLY A 251 0.70 8.07 14.46
CA GLY A 251 0.65 7.34 15.71
C GLY A 251 -0.56 6.43 15.88
N HIS A 252 -1.19 6.00 14.79
CA HIS A 252 -2.35 5.13 14.91
C HIS A 252 -1.94 3.73 15.38
N THR A 253 -0.79 3.24 14.92
CA THR A 253 -0.30 1.96 15.40
C THR A 253 -0.11 1.98 16.91
N LEU A 254 0.53 3.04 17.43
CA LEU A 254 0.71 3.16 18.87
C LEU A 254 -0.62 3.20 19.60
N GLN A 255 -1.59 3.94 19.05
CA GLN A 255 -2.91 4.00 19.68
C GLN A 255 -3.53 2.62 19.78
N ALA A 256 -3.61 1.91 18.65
CA ALA A 256 -4.23 0.58 18.66
C ALA A 256 -3.59 -0.32 19.70
N ILE A 257 -2.25 -0.30 19.78
CA ILE A 257 -1.54 -1.13 20.76
C ILE A 257 -2.05 -0.86 22.17
N CYS A 258 -2.11 0.41 22.55
CA CYS A 258 -2.40 0.79 23.93
C CYS A 258 -3.90 0.88 24.22
N LYS A 259 -4.71 1.15 23.20
CA LYS A 259 -6.13 1.53 23.33
C LYS A 259 -6.84 0.98 24.56
N ASP A 260 -6.97 -0.32 24.67
CA ASP A 260 -7.68 -0.92 25.80
C ASP A 260 -6.75 -1.79 26.65
N THR A 261 -5.46 -1.50 26.63
CA THR A 261 -4.48 -2.14 27.51
C THR A 261 -4.07 -1.15 28.59
N PRO A 262 -4.57 -1.28 29.81
CA PRO A 262 -4.13 -0.37 30.89
C PRO A 262 -2.68 -0.55 31.30
N ALA A 263 -2.11 -1.75 31.14
CA ALA A 263 -0.71 -1.96 31.50
C ALA A 263 0.26 -1.37 30.47
N LEU A 264 -0.22 -1.06 29.27
CA LEU A 264 0.59 -0.46 28.22
C LEU A 264 0.10 0.96 27.96
N PRO A 265 0.63 1.96 28.66
CA PRO A 265 0.05 3.32 28.60
C PRO A 265 0.62 4.18 27.49
N ILE A 266 -0.27 4.68 26.62
CA ILE A 266 0.14 5.49 25.47
C ILE A 266 1.05 6.63 25.90
N GLU A 267 0.86 7.14 27.13
CA GLU A 267 1.69 8.21 27.67
C GLU A 267 3.14 7.78 27.87
N ARG A 268 3.40 6.48 27.92
CA ARG A 268 4.76 5.97 28.09
C ARG A 268 5.46 5.68 26.76
N CYS A 269 4.82 5.97 25.62
CA CYS A 269 5.37 5.68 24.32
C CYS A 269 5.74 6.97 23.58
N VAL A 270 6.56 6.81 22.54
CA VAL A 270 7.15 7.93 21.81
C VAL A 270 6.82 7.77 20.33
N LEU A 271 6.12 8.76 19.76
CA LEU A 271 5.88 8.84 18.34
C LEU A 271 6.94 9.74 17.70
N GLU A 272 7.72 9.20 16.78
CA GLU A 272 8.78 9.92 16.10
C GLU A 272 8.48 10.01 14.62
N ASP A 273 8.74 11.18 14.04
CA ASP A 273 8.61 11.40 12.60
C ASP A 273 9.30 12.71 12.28
N LEU A 274 9.21 13.12 11.01
CA LEU A 274 9.79 14.38 10.60
C LEU A 274 9.09 15.53 11.33
N PRO A 275 9.82 16.60 11.65
CA PRO A 275 9.22 17.71 12.42
C PRO A 275 7.95 18.25 11.79
N ARG A 276 7.90 18.34 10.46
CA ARG A 276 6.70 18.81 9.79
C ARG A 276 5.53 17.86 10.01
N VAL A 277 5.82 16.58 10.18
CA VAL A 277 4.76 15.60 10.42
C VAL A 277 4.31 15.68 11.87
N ILE A 278 5.27 15.79 12.80
CA ILE A 278 4.94 15.90 14.22
C ILE A 278 4.15 17.18 14.49
N GLN A 279 4.50 18.29 13.83
CA GLN A 279 3.74 19.52 14.00
C GLN A 279 2.28 19.34 13.54
N VAL A 280 2.06 18.62 12.44
CA VAL A 280 0.69 18.38 11.99
C VAL A 280 -0.06 17.48 12.97
N VAL A 281 0.65 16.53 13.59
CA VAL A 281 0.02 15.70 14.62
C VAL A 281 -0.50 16.57 15.76
N LYS A 282 0.32 17.53 16.21
CA LYS A 282 -0.08 18.44 17.27
C LYS A 282 -1.29 19.26 16.85
N ASP A 283 -1.21 19.91 15.70
CA ASP A 283 -2.25 20.83 15.23
C ASP A 283 -3.58 20.16 14.95
N THR A 284 -3.67 18.83 15.06
CA THR A 284 -4.91 18.12 14.75
C THR A 284 -5.32 17.17 15.87
N SER A 285 -4.84 17.41 17.09
CA SER A 285 -5.27 16.68 18.28
C SER A 285 -6.32 17.48 19.02
N ASP A 286 -7.34 16.79 19.55
CA ASP A 286 -8.28 17.39 20.47
C ASP A 286 -7.62 17.67 21.82
N ALA A 287 -8.18 18.64 22.55
CA ALA A 287 -7.54 19.24 23.71
C ALA A 287 -7.08 18.23 24.76
N GLY A 288 -8.03 17.58 25.43
CA GLY A 288 -7.65 16.67 26.48
C GLY A 288 -7.27 15.28 26.02
N ALA A 289 -7.12 15.06 24.73
CA ALA A 289 -6.77 13.74 24.20
C ALA A 289 -5.34 13.42 24.61
N GLN A 290 -5.16 12.43 25.48
CA GLN A 290 -3.81 12.10 25.92
C GLN A 290 -3.13 11.19 24.90
N ALA A 291 -1.89 11.53 24.61
CA ALA A 291 -1.15 11.05 23.46
C ALA A 291 0.17 10.49 23.93
N PRO A 292 0.94 9.86 23.05
CA PRO A 292 2.34 9.56 23.38
C PRO A 292 3.15 10.84 23.36
N GLN A 293 4.39 10.72 23.81
CA GLN A 293 5.34 11.80 23.58
C GLN A 293 5.54 11.98 22.08
N LEU A 294 5.71 13.24 21.66
CA LEU A 294 5.86 13.59 20.26
C LEU A 294 7.26 14.13 20.03
N LEU A 295 7.98 13.56 19.07
CA LEU A 295 9.39 13.92 18.86
C LEU A 295 9.67 13.99 17.37
N GLY A 296 9.92 15.21 16.88
CA GLY A 296 10.35 15.41 15.51
C GLY A 296 11.82 15.06 15.39
N MET A 297 12.17 14.30 14.35
CA MET A 297 13.52 13.76 14.23
C MET A 297 13.72 13.26 12.82
N ASP A 298 14.95 12.83 12.53
CA ASP A 298 15.33 12.26 11.25
C ASP A 298 15.95 10.90 11.56
N PHE A 299 15.28 9.83 11.12
CA PHE A 299 15.82 8.51 11.48
C PHE A 299 17.04 8.11 10.65
N ASN A 300 17.51 8.96 9.74
CA ASN A 300 18.84 8.73 9.22
C ASN A 300 19.93 9.22 10.17
N GLN A 301 19.55 9.85 11.27
CA GLN A 301 20.46 10.35 12.29
C GLN A 301 20.28 9.55 13.58
N GLU A 302 21.13 9.86 14.55
CA GLU A 302 21.15 9.15 15.82
C GLU A 302 19.76 9.11 16.46
N GLN A 303 19.42 7.96 17.02
CA GLN A 303 18.13 7.76 17.65
C GLN A 303 18.10 8.46 19.01
N PRO A 304 17.18 9.41 19.21
CA PRO A 304 17.24 10.21 20.45
C PRO A 304 16.80 9.47 21.71
N VAL A 305 15.96 8.45 21.58
CA VAL A 305 15.40 7.75 22.73
C VAL A 305 16.22 6.47 22.94
N LYS A 306 16.85 6.35 24.10
CA LYS A 306 17.74 5.24 24.40
C LYS A 306 17.04 4.22 25.27
N GLY A 307 17.31 2.94 25.01
CA GLY A 307 16.89 1.90 25.92
C GLY A 307 15.41 1.65 26.02
N ALA A 308 14.63 2.06 25.03
CA ALA A 308 13.22 1.69 25.04
C ALA A 308 13.08 0.18 25.02
N VAL A 309 11.91 -0.30 25.42
CA VAL A 309 11.65 -1.73 25.39
C VAL A 309 11.49 -2.21 23.95
N VAL A 310 10.77 -1.44 23.12
CA VAL A 310 10.43 -1.84 21.76
C VAL A 310 10.66 -0.65 20.85
N TYR A 311 11.42 -0.86 19.77
CA TYR A 311 11.48 0.08 18.67
C TYR A 311 10.71 -0.52 17.50
N LEU A 312 9.81 0.27 16.95
CA LEU A 312 8.93 -0.15 15.87
C LEU A 312 9.24 0.72 14.66
N ILE A 313 9.56 0.09 13.53
CA ILE A 313 9.78 0.81 12.29
C ILE A 313 8.91 0.14 11.23
N ARG A 314 7.76 0.74 10.95
CA ARG A 314 6.71 0.10 10.16
C ARG A 314 6.56 0.81 8.81
N ARG A 315 6.73 0.04 7.72
CA ARG A 315 6.55 0.55 6.36
C ARG A 315 7.45 1.75 6.07
N CYS A 316 8.66 1.74 6.61
CA CYS A 316 9.65 2.74 6.25
C CYS A 316 10.80 2.19 5.43
N LEU A 317 11.33 1.00 5.79
CA LEU A 317 12.54 0.49 5.15
C LEU A 317 12.34 0.19 3.66
N HIS A 318 11.12 -0.13 3.23
CA HIS A 318 10.93 -0.48 1.82
C HIS A 318 11.12 0.71 0.89
N ASP A 319 11.20 1.94 1.42
CA ASP A 319 11.44 3.10 0.59
C ASP A 319 12.91 3.31 0.24
N TYR A 320 13.85 2.51 0.76
CA TYR A 320 15.26 2.85 0.71
C TYR A 320 16.13 1.66 0.28
N SER A 321 17.33 2.01 -0.19
CA SER A 321 18.35 1.05 -0.57
C SER A 321 18.83 0.27 0.66
N ASP A 322 19.47 -0.87 0.41
CA ASP A 322 20.07 -1.64 1.51
C ASP A 322 21.02 -0.80 2.34
N GLU A 323 21.85 0.01 1.70
CA GLU A 323 22.84 0.77 2.44
C GLU A 323 22.18 1.82 3.35
N GLN A 324 21.11 2.46 2.87
CA GLN A 324 20.41 3.42 3.71
C GLN A 324 19.69 2.71 4.86
N CYS A 325 19.13 1.53 4.57
CA CYS A 325 18.47 0.74 5.63
C CYS A 325 19.47 0.33 6.71
N VAL A 326 20.69 0.01 6.33
CA VAL A 326 21.68 -0.38 7.33
C VAL A 326 22.02 0.81 8.22
N ARG A 327 22.12 2.01 7.64
CA ARG A 327 22.38 3.20 8.45
C ARG A 327 21.24 3.46 9.42
N ILE A 328 19.99 3.37 8.93
CA ILE A 328 18.81 3.56 9.76
C ILE A 328 18.77 2.55 10.90
N LEU A 329 18.94 1.27 10.57
CA LEU A 329 18.86 0.26 11.61
C LEU A 329 20.04 0.35 12.56
N GLY A 330 21.22 0.77 12.06
CA GLY A 330 22.37 0.90 12.94
C GLY A 330 22.16 1.92 14.02
N HIS A 331 21.45 3.03 13.70
CA HIS A 331 21.13 4.01 14.72
C HIS A 331 20.21 3.42 15.78
N LEU A 332 19.24 2.60 15.36
CA LEU A 332 18.34 2.00 16.35
C LEU A 332 19.08 0.99 17.22
N ALA A 333 19.98 0.20 16.63
CA ALA A 333 20.70 -0.80 17.41
C ALA A 333 21.61 -0.15 18.45
N ALA A 334 22.29 0.95 18.09
CA ALA A 334 23.11 1.66 19.05
C ALA A 334 22.29 2.15 20.25
N ALA A 335 21.06 2.61 19.99
CA ALA A 335 20.20 3.14 21.06
C ALA A 335 19.50 2.05 21.86
N MET A 336 19.41 0.83 21.32
CA MET A 336 18.73 -0.26 22.01
C MET A 336 19.58 -0.77 23.17
N ALA A 337 18.90 -1.32 24.18
CA ALA A 337 19.54 -2.09 25.23
C ALA A 337 19.54 -3.56 24.86
N ALA A 338 20.27 -4.34 25.65
CA ALA A 338 20.42 -5.77 25.39
C ALA A 338 19.09 -6.49 25.42
N ASP A 339 18.14 -6.04 26.23
CA ASP A 339 16.83 -6.68 26.25
C ASP A 339 15.81 -6.01 25.32
N SER A 340 16.21 -4.98 24.58
CA SER A 340 15.31 -4.32 23.65
C SER A 340 15.00 -5.21 22.44
N VAL A 341 13.88 -4.91 21.79
CA VAL A 341 13.44 -5.59 20.58
C VAL A 341 13.14 -4.54 19.52
N LEU A 342 13.55 -4.81 18.29
CA LEU A 342 13.22 -3.98 17.14
C LEU A 342 12.22 -4.75 16.29
N LEU A 343 11.11 -4.11 15.96
CA LEU A 343 10.06 -4.72 15.15
C LEU A 343 10.03 -4.04 13.79
N ILE A 344 10.36 -4.79 12.74
CA ILE A 344 10.29 -4.28 11.37
C ILE A 344 8.97 -4.74 10.77
N GLY A 345 8.08 -3.79 10.47
CA GLY A 345 6.83 -4.12 9.81
C GLY A 345 6.90 -3.91 8.31
N GLU A 346 6.96 -4.99 7.54
CA GLU A 346 7.10 -4.92 6.09
C GLU A 346 6.56 -6.20 5.49
N THR A 347 6.18 -6.12 4.22
CA THR A 347 6.05 -7.33 3.42
C THR A 347 7.36 -8.09 3.43
N VAL A 348 7.26 -9.40 3.61
CA VAL A 348 8.39 -10.28 3.42
C VAL A 348 8.11 -11.13 2.20
N LEU A 349 8.82 -10.84 1.10
CA LEU A 349 8.59 -11.56 -0.14
C LEU A 349 8.92 -13.04 0.05
N THR A 350 8.07 -13.90 -0.50
CA THR A 350 8.50 -15.26 -0.72
C THR A 350 9.38 -15.30 -1.96
N ASN A 351 10.13 -16.37 -2.10
CA ASN A 351 10.99 -16.57 -3.27
C ASN A 351 10.49 -17.79 -4.03
N PRO A 352 9.71 -17.61 -5.11
CA PRO A 352 9.33 -16.35 -5.75
C PRO A 352 8.14 -15.66 -5.04
N PRO A 353 8.00 -14.36 -5.26
CA PRO A 353 6.95 -13.62 -4.58
C PRO A 353 5.58 -13.85 -5.22
N SER A 354 4.55 -13.55 -4.42
CA SER A 354 3.18 -13.55 -4.93
C SER A 354 2.98 -12.45 -5.96
N ARG A 355 1.87 -12.54 -6.69
CA ARG A 355 1.50 -11.53 -7.68
C ARG A 355 1.42 -10.11 -7.10
N PRO A 356 0.62 -9.84 -6.06
CA PRO A 356 0.52 -8.45 -5.60
C PRO A 356 1.81 -7.91 -5.02
N THR A 357 2.66 -8.75 -4.41
CA THR A 357 3.88 -8.21 -3.85
C THR A 357 4.94 -7.97 -4.92
N ALA A 358 4.99 -8.81 -5.96
CA ALA A 358 5.88 -8.50 -7.08
C ALA A 358 5.45 -7.21 -7.77
N MET A 359 4.14 -7.01 -7.93
CA MET A 359 3.64 -5.75 -8.51
C MET A 359 4.05 -4.55 -7.65
N MET A 360 3.83 -4.62 -6.33
CA MET A 360 4.27 -3.53 -5.46
C MET A 360 5.78 -3.35 -5.49
N ASP A 361 6.55 -4.46 -5.61
CA ASP A 361 8.00 -4.34 -5.72
C ASP A 361 8.39 -3.43 -6.90
N ILE A 362 7.73 -3.60 -8.05
CA ILE A 362 8.11 -2.78 -9.20
C ILE A 362 7.56 -1.36 -9.03
N LEU A 363 6.35 -1.20 -8.47
CA LEU A 363 5.88 0.15 -8.18
C LEU A 363 6.85 0.88 -7.27
N LEU A 364 7.37 0.19 -6.26
CA LEU A 364 8.31 0.86 -5.37
C LEU A 364 9.58 1.27 -6.11
N ALA A 365 10.01 0.46 -7.08
CA ALA A 365 11.17 0.86 -7.88
C ALA A 365 10.97 2.20 -8.57
N THR A 366 9.72 2.55 -8.96
CA THR A 366 9.52 3.86 -9.58
C THR A 366 9.83 5.02 -8.63
N ILE A 367 9.89 4.78 -7.33
CA ILE A 367 10.16 5.85 -6.37
C ILE A 367 11.41 5.57 -5.53
N GLY A 368 12.26 4.64 -5.95
CA GLY A 368 13.51 4.38 -5.26
C GLY A 368 13.46 3.33 -4.17
N GLY A 369 12.43 2.49 -4.14
CA GLY A 369 12.35 1.49 -3.09
C GLY A 369 12.31 0.06 -3.60
N LYS A 370 12.05 -0.88 -2.70
CA LYS A 370 11.91 -2.28 -3.06
C LYS A 370 11.27 -3.04 -1.91
N GLU A 371 10.68 -4.17 -2.24
CA GLU A 371 10.33 -5.18 -1.25
C GLU A 371 11.48 -6.15 -1.10
N ARG A 372 11.48 -6.92 -0.01
CA ARG A 372 12.60 -7.80 0.31
C ARG A 372 12.12 -9.16 0.83
N THR A 373 12.85 -10.21 0.43
CA THR A 373 12.77 -11.53 1.06
C THR A 373 13.35 -11.46 2.48
N ILE A 374 13.12 -12.52 3.26
CA ILE A 374 13.70 -12.61 4.60
C ILE A 374 15.21 -12.73 4.53
N ASP A 375 15.74 -13.24 3.41
CA ASP A 375 17.19 -13.29 3.22
C ASP A 375 17.76 -11.89 3.07
N ALA A 376 17.11 -11.05 2.28
CA ALA A 376 17.59 -9.69 2.06
C ALA A 376 17.48 -8.85 3.34
N PHE A 377 16.41 -9.07 4.11
CA PHE A 377 16.30 -8.43 5.42
C PHE A 377 17.40 -8.92 6.35
N GLY A 378 17.68 -10.23 6.33
CA GLY A 378 18.75 -10.78 7.16
C GLY A 378 20.09 -10.14 6.88
N ALA A 379 20.43 -9.96 5.60
CA ALA A 379 21.69 -9.29 5.27
C ALA A 379 21.73 -7.88 5.85
N VAL A 380 20.64 -7.12 5.67
CA VAL A 380 20.59 -5.74 6.13
C VAL A 380 20.63 -5.68 7.67
N VAL A 381 19.84 -6.53 8.31
CA VAL A 381 19.76 -6.55 9.77
C VAL A 381 21.10 -6.90 10.38
N GLY A 382 21.78 -7.91 9.82
CA GLY A 382 23.08 -8.32 10.35
C GLY A 382 24.13 -7.24 10.18
N ARG A 383 24.10 -6.52 9.06
CA ARG A 383 25.05 -5.45 8.84
C ARG A 383 24.87 -4.33 9.84
N ALA A 384 23.68 -4.20 10.43
CA ALA A 384 23.41 -3.18 11.41
C ALA A 384 23.68 -3.65 12.82
N GLY A 385 24.32 -4.81 12.99
CA GLY A 385 24.62 -5.33 14.30
C GLY A 385 23.42 -5.94 14.99
N LEU A 386 22.43 -6.38 14.24
CA LEU A 386 21.24 -7.00 14.80
C LEU A 386 21.15 -8.44 14.31
N ARG A 387 20.21 -9.19 14.87
CA ARG A 387 19.88 -10.50 14.33
C ARG A 387 18.40 -10.74 14.45
N ILE A 388 17.87 -11.51 13.50
CA ILE A 388 16.46 -11.83 13.44
C ILE A 388 16.19 -12.93 14.44
N LYS A 389 15.35 -12.62 15.44
CA LYS A 389 14.93 -13.56 16.46
C LYS A 389 13.67 -14.32 16.04
N GLY A 390 12.76 -13.66 15.33
CA GLY A 390 11.59 -14.36 14.84
C GLY A 390 10.82 -13.48 13.88
N VAL A 391 9.81 -14.07 13.28
CA VAL A 391 8.97 -13.38 12.28
C VAL A 391 7.53 -13.76 12.57
N CYS A 392 6.66 -12.76 12.72
CA CYS A 392 5.22 -12.96 12.83
C CYS A 392 4.62 -12.49 11.52
N LYS A 393 4.08 -13.42 10.74
CA LYS A 393 3.44 -13.11 9.46
C LYS A 393 1.93 -13.10 9.61
N GLN A 394 1.28 -12.10 9.00
CA GLN A 394 -0.17 -12.04 9.01
C GLN A 394 -0.76 -13.19 8.22
N GLU A 395 -1.91 -13.69 8.69
CA GLU A 395 -2.61 -14.74 7.95
C GLU A 395 -3.11 -14.20 6.62
N GLY A 396 -2.95 -14.99 5.57
CA GLY A 396 -3.49 -14.61 4.28
C GLY A 396 -2.72 -13.57 3.52
N GLY A 397 -1.49 -13.27 3.94
CA GLY A 397 -0.66 -12.31 3.23
C GLY A 397 0.78 -12.48 3.65
N ASP A 398 1.62 -11.58 3.14
CA ASP A 398 3.04 -11.65 3.45
C ASP A 398 3.52 -10.51 4.34
N PHE A 399 2.65 -9.57 4.74
CA PHE A 399 3.06 -8.52 5.67
C PHE A 399 3.40 -9.13 7.01
N SER A 400 4.52 -8.72 7.56
CA SER A 400 5.07 -9.40 8.72
C SER A 400 5.66 -8.38 9.67
N TYR A 401 5.93 -8.82 10.90
CA TYR A 401 6.78 -8.11 11.84
C TYR A 401 8.01 -8.98 12.09
N ILE A 402 9.17 -8.45 11.75
CA ILE A 402 10.42 -9.16 11.91
C ILE A 402 10.99 -8.70 13.24
N GLU A 403 11.07 -9.60 14.21
CA GLU A 403 11.55 -9.26 15.54
C GLU A 403 13.06 -9.38 15.60
N CYS A 404 13.75 -8.27 15.84
CA CYS A 404 15.21 -8.29 15.85
C CYS A 404 15.73 -7.85 17.22
N VAL A 405 16.94 -8.30 17.54
CA VAL A 405 17.62 -7.97 18.78
C VAL A 405 19.08 -7.70 18.48
N LYS A 406 19.75 -6.99 19.39
CA LYS A 406 21.17 -6.70 19.21
C LYS A 406 21.96 -8.01 19.10
N ALA A 407 22.97 -8.01 18.24
CA ALA A 407 23.72 -9.22 17.98
C ALA A 407 24.78 -9.47 19.05
N SAM B . 4.82 3.81 10.17
CA SAM B . 3.61 4.44 9.61
C SAM B . 2.62 3.40 9.12
O SAM B . 2.79 2.20 9.35
OXT SAM B . 1.62 3.72 8.47
CB SAM B . 3.93 5.40 8.47
CG SAM B . 4.76 4.82 7.31
SD SAM B . 5.00 5.99 5.93
CE SAM B . 5.07 4.80 4.59
C5' SAM B . 6.72 6.49 6.12
C4' SAM B . 6.87 7.50 7.26
O4' SAM B . 8.22 7.82 7.46
C3' SAM B . 6.16 8.83 7.01
O3' SAM B . 5.39 9.17 8.14
C2' SAM B . 7.28 9.85 6.84
O2' SAM B . 6.97 11.13 7.33
C1' SAM B . 8.35 9.21 7.70
N9 SAM B . 9.71 9.61 7.38
C8 SAM B . 10.27 9.68 6.13
N7 SAM B . 11.56 10.05 6.27
C5 SAM B . 11.82 10.20 7.59
C6 SAM B . 12.97 10.56 8.26
N6 SAM B . 14.07 10.83 7.57
N1 SAM B . 12.95 10.65 9.64
C2 SAM B . 11.80 10.36 10.35
N3 SAM B . 10.65 10.00 9.66
C4 SAM B . 10.67 9.92 8.30
C1 GOL C . 15.63 -9.28 -5.11
O1 GOL C . 15.20 -8.10 -4.49
C2 GOL C . 17.17 -9.19 -5.26
O2 GOL C . 17.79 -8.29 -4.40
C3 GOL C . 17.70 -10.60 -5.02
O3 GOL C . 18.81 -10.70 -5.85
C1 EDO D . 21.10 -11.87 10.02
O1 EDO D . 22.45 -11.90 10.52
C2 EDO D . 20.11 -11.75 11.16
O2 EDO D . 19.61 -13.04 11.55
C1 EDO E . 3.55 -0.57 2.39
O1 EDO E . 2.83 -0.08 1.23
C2 EDO E . 3.29 -2.07 2.59
O2 EDO E . 4.36 -2.76 3.27
C1 PGE F . 2.76 3.42 -2.14
O1 PGE F . 3.28 2.23 -1.55
C2 PGE F . 1.61 3.08 -3.08
O2 PGE F . 0.56 2.45 -2.38
C3 PGE F . -0.35 1.75 -3.22
C4 PGE F . -0.85 2.69 -4.32
O4 PGE F . -2.73 -0.58 -6.57
C6 PGE F . -1.63 0.11 -6.02
C5 PGE F . -1.87 1.62 -6.17
O3 PGE F . -2.04 2.18 -4.87
C1 EDO G . 5.11 4.00 1.36
O1 EDO G . 4.28 3.05 2.09
C2 EDO G . 5.54 3.48 -0.01
O2 EDO G . 6.42 4.40 -0.68
C1 EDO H . -1.76 -12.67 -14.81
O1 EDO H . -1.83 -12.42 -13.40
C2 EDO H . -1.57 -14.16 -15.11
O2 EDO H . -1.53 -14.36 -16.53
#